data_3GRL
#
_entry.id   3GRL
#
_cell.length_a   155.629
_cell.length_b   174.715
_cell.length_c   87.511
_cell.angle_alpha   90.000
_cell.angle_beta   90.000
_cell.angle_gamma   90.000
#
_symmetry.space_group_name_H-M   'C 2 2 21'
#
loop_
_entity.id
_entity.type
_entity.pdbx_description
1 polymer 'General vesicular transport factor p115'
2 non-polymer 'PHOSPHATE ION'
3 water water
#
_entity_poly.entity_id   1
_entity_poly.type   'polypeptide(L)'
_entity_poly.pdbx_seq_one_letter_code
;MNFLRGVMGGQSAGPQHTEAETIQKLCDRVASSTLLDDRRNAVRALKSLSKKYRLEVGIQAMEHLIHVLQTDRSDSEIIG
YALDTLYNIISNDEEEEVEENSTRQSEDLGSQFTEIFIKQQENVTLLLSLLEEFDFHVRWPGVKLLTSLLKQLGPQVQQI
ILVSPMGVSRLMDLLADSREVIRNDGVLLLQALTRSNGAIQKIVAFENAFERLLDIITEEGNSDGGIVVEDCLILLQNLL
KNNNSNQNFFKEGSYIQRMKPWFEVGDENSGWSAQKVTNLHLMLQLVRVLVSPNNPPGATSSCQKAMFQCGLLQQLCTIL
MATGVPADILTETINTVSEVIRGCQVNQDYFASVNAPSNPPRPAIVVLLMSMVNERQPFVLRCAVLYCFQCFLYKNQKGQ
GEIVSTLLPSTIDATGNTVSAGQLLCGGLFSTDSLSNWCAAVALAHALQENATQKEQLLRVQLATSIGNPPVSLLQQCTN
ILSQGSKIQTRVGLLMLLCTWLSNCPIAVTHFLHNSANVPFLTGQIAENLGEEEQLVQGLCALLLGISIYFNDNSLETYM
KEKLKQLIEKRIGKENFIEKLGFISKHELYSRASQKPQPNFPSPEYMIFDHEFTKLVKELEGVITKAIYKSSEEDKKEEE
VKKTLEQHDSI
;
_entity_poly.pdbx_strand_id   A
#
loop_
_chem_comp.id
_chem_comp.type
_chem_comp.name
_chem_comp.formula
PO4 non-polymer 'PHOSPHATE ION' 'O4 P -3'
#
# COMPACT_ATOMS: atom_id res chain seq x y z
N THR A 18 -11.42 -2.60 -56.36
CA THR A 18 -10.48 -2.15 -55.28
C THR A 18 -11.13 -1.13 -54.33
N GLU A 19 -10.97 -1.35 -53.02
CA GLU A 19 -11.53 -0.47 -51.98
C GLU A 19 -10.76 0.82 -51.77
N ALA A 20 -9.42 0.72 -51.86
CA ALA A 20 -8.52 1.89 -51.80
C ALA A 20 -8.95 2.96 -52.77
N GLU A 21 -9.36 2.53 -53.96
CA GLU A 21 -9.89 3.45 -54.98
C GLU A 21 -11.30 4.00 -54.59
N THR A 22 -12.21 3.11 -54.18
CA THR A 22 -13.61 3.51 -53.87
C THR A 22 -13.62 4.49 -52.68
N ILE A 23 -12.82 4.20 -51.66
CA ILE A 23 -12.67 5.10 -50.54
C ILE A 23 -11.96 6.38 -50.98
N GLN A 24 -11.08 6.28 -51.99
CA GLN A 24 -10.49 7.49 -52.59
C GLN A 24 -11.58 8.37 -53.24
N LYS A 25 -12.61 7.72 -53.79
CA LYS A 25 -13.74 8.44 -54.40
C LYS A 25 -14.64 9.07 -53.35
N LEU A 26 -14.89 8.38 -52.24
CA LEU A 26 -15.61 8.99 -51.11
C LEU A 26 -14.79 10.16 -50.56
N CYS A 27 -13.48 9.96 -50.41
CA CYS A 27 -12.56 11.02 -49.98
C CYS A 27 -12.63 12.27 -50.83
N ASP A 28 -12.61 12.09 -52.15
CA ASP A 28 -12.69 13.23 -53.07
C ASP A 28 -14.10 13.84 -53.09
N ARG A 29 -15.15 13.04 -52.92
CA ARG A 29 -16.49 13.58 -52.74
C ARG A 29 -16.53 14.47 -51.48
N VAL A 30 -16.14 13.91 -50.34
CA VAL A 30 -16.04 14.70 -49.12
C VAL A 30 -15.25 16.00 -49.36
N ALA A 31 -14.16 15.89 -50.12
CA ALA A 31 -13.26 17.02 -50.37
C ALA A 31 -13.78 18.01 -51.42
N SER A 32 -14.24 17.49 -52.54
CA SER A 32 -14.60 18.31 -53.70
C SER A 32 -16.10 18.65 -53.77
N SER A 33 -16.94 17.72 -53.32
CA SER A 33 -18.39 17.85 -53.46
C SER A 33 -18.85 19.20 -52.89
N THR A 34 -19.70 19.90 -53.64
CA THR A 34 -19.97 21.31 -53.39
C THR A 34 -21.20 21.54 -52.49
N LEU A 35 -22.17 20.62 -52.52
CA LEU A 35 -23.34 20.66 -51.63
C LEU A 35 -23.06 19.95 -50.30
N LEU A 36 -23.50 20.57 -49.21
CA LEU A 36 -23.43 19.99 -47.87
C LEU A 36 -24.03 18.60 -47.81
N ASP A 37 -25.24 18.45 -48.36
CA ASP A 37 -25.94 17.17 -48.31
C ASP A 37 -25.09 16.03 -48.86
N ASP A 38 -24.37 16.30 -49.95
CA ASP A 38 -23.57 15.27 -50.60
C ASP A 38 -22.38 14.90 -49.69
N ARG A 39 -21.61 15.91 -49.29
CA ARG A 39 -20.52 15.72 -48.34
C ARG A 39 -20.96 14.89 -47.13
N ARG A 40 -22.16 15.18 -46.61
CA ARG A 40 -22.65 14.51 -45.42
C ARG A 40 -22.93 13.03 -45.65
N ASN A 41 -23.64 12.71 -46.72
CA ASN A 41 -23.88 11.31 -47.07
C ASN A 41 -22.58 10.54 -47.30
N ALA A 42 -21.56 11.26 -47.80
CA ALA A 42 -20.24 10.71 -48.02
C ALA A 42 -19.55 10.41 -46.70
N VAL A 43 -19.54 11.38 -45.77
CA VAL A 43 -18.94 11.13 -44.46
C VAL A 43 -19.68 9.98 -43.76
N ARG A 44 -21.00 9.98 -43.85
CA ARG A 44 -21.81 8.89 -43.27
C ARG A 44 -21.41 7.52 -43.82
N ALA A 45 -21.10 7.45 -45.10
CA ALA A 45 -20.74 6.18 -45.73
C ALA A 45 -19.30 5.80 -45.38
N LEU A 46 -18.44 6.82 -45.34
CA LEU A 46 -17.04 6.64 -44.99
C LEU A 46 -16.97 6.11 -43.55
N LYS A 47 -17.97 6.49 -42.76
CA LYS A 47 -18.14 5.96 -41.41
C LYS A 47 -18.37 4.47 -41.46
N SER A 48 -19.27 4.04 -42.34
CA SER A 48 -19.55 2.61 -42.53
C SER A 48 -18.27 1.80 -42.74
N LEU A 49 -17.35 2.37 -43.52
CA LEU A 49 -16.07 1.74 -43.83
C LEU A 49 -14.96 1.99 -42.80
N SER A 50 -15.25 2.76 -41.75
CA SER A 50 -14.31 2.95 -40.65
C SER A 50 -14.33 1.70 -39.75
N LYS A 51 -15.52 1.33 -39.30
CA LYS A 51 -15.73 0.06 -38.60
C LYS A 51 -15.75 -1.04 -39.67
N LYS A 52 -15.08 -2.15 -39.35
CA LYS A 52 -14.86 -3.28 -40.27
C LYS A 52 -13.83 -3.07 -41.39
N TYR A 53 -13.35 -1.84 -41.63
CA TYR A 53 -12.38 -1.60 -42.73
C TYR A 53 -11.24 -0.56 -42.49
N ARG A 54 -11.04 -0.06 -41.27
CA ARG A 54 -10.01 0.96 -41.03
C ARG A 54 -8.60 0.55 -41.46
N LEU A 55 -7.86 1.53 -41.97
CA LEU A 55 -6.45 1.42 -42.42
C LEU A 55 -6.29 2.40 -43.58
N GLU A 56 -7.05 2.18 -44.66
CA GLU A 56 -7.11 3.13 -45.77
C GLU A 56 -7.81 4.38 -45.30
N VAL A 57 -8.94 4.18 -44.61
CA VAL A 57 -9.72 5.30 -44.03
C VAL A 57 -8.78 6.12 -43.17
N GLY A 58 -7.99 5.45 -42.35
CA GLY A 58 -7.02 6.13 -41.56
C GLY A 58 -5.98 6.85 -42.38
N ILE A 59 -5.39 6.16 -43.36
CA ILE A 59 -4.28 6.77 -44.12
C ILE A 59 -4.75 7.67 -45.27
N GLN A 60 -5.99 7.54 -45.70
CA GLN A 60 -6.52 8.37 -46.81
C GLN A 60 -7.75 9.23 -46.45
N ALA A 61 -8.66 8.75 -45.60
CA ALA A 61 -9.82 9.56 -45.15
C ALA A 61 -9.52 10.57 -44.02
N MET A 62 -8.48 10.32 -43.22
CA MET A 62 -8.30 11.05 -41.97
C MET A 62 -8.14 12.55 -42.16
N GLU A 63 -7.29 12.96 -43.08
CA GLU A 63 -7.06 14.40 -43.31
C GLU A 63 -8.30 15.12 -43.88
N HIS A 64 -9.17 14.38 -44.56
CA HIS A 64 -10.42 14.94 -45.11
C HIS A 64 -11.45 15.06 -44.02
N LEU A 65 -11.55 14.03 -43.19
CA LEU A 65 -12.41 14.07 -42.00
C LEU A 65 -12.03 15.25 -41.14
N ILE A 66 -10.73 15.45 -40.93
CA ILE A 66 -10.26 16.64 -40.22
C ILE A 66 -10.69 17.92 -40.92
N HIS A 67 -10.55 17.97 -42.25
CA HIS A 67 -10.97 19.16 -42.99
C HIS A 67 -12.46 19.47 -42.81
N VAL A 68 -13.28 18.44 -42.66
CA VAL A 68 -14.70 18.62 -42.37
C VAL A 68 -14.93 19.25 -40.98
N LEU A 69 -14.05 18.94 -40.04
CA LEU A 69 -14.13 19.51 -38.69
C LEU A 69 -13.75 20.99 -38.70
N GLN A 70 -12.80 21.36 -39.55
CA GLN A 70 -12.30 22.74 -39.63
C GLN A 70 -13.30 23.64 -40.35
N THR A 71 -13.89 23.10 -41.40
CA THR A 71 -14.96 23.77 -42.14
C THR A 71 -16.19 22.99 -41.74
N ASP A 72 -17.36 23.26 -42.30
CA ASP A 72 -18.58 22.49 -41.99
C ASP A 72 -19.08 22.46 -40.52
N ARG A 73 -18.58 23.37 -39.67
CA ARG A 73 -19.03 23.38 -38.26
C ARG A 73 -20.48 23.83 -38.06
N SER A 74 -21.08 24.40 -39.10
CA SER A 74 -22.48 24.84 -39.03
C SER A 74 -23.45 23.66 -39.08
N ASP A 75 -22.97 22.50 -39.50
CA ASP A 75 -23.80 21.31 -39.55
C ASP A 75 -23.33 20.31 -38.49
N SER A 76 -24.08 20.24 -37.38
CA SER A 76 -23.80 19.30 -36.29
C SER A 76 -23.76 17.85 -36.76
N GLU A 77 -24.61 17.51 -37.73
CA GLU A 77 -24.76 16.11 -38.17
C GLU A 77 -23.44 15.60 -38.81
N ILE A 78 -22.93 16.33 -39.82
CA ILE A 78 -21.67 15.94 -40.48
C ILE A 78 -20.48 15.93 -39.51
N ILE A 79 -20.41 16.90 -38.61
CA ILE A 79 -19.35 16.91 -37.59
C ILE A 79 -19.45 15.66 -36.73
N GLY A 80 -20.67 15.33 -36.31
CA GLY A 80 -20.92 14.11 -35.58
C GLY A 80 -20.33 12.90 -36.27
N TYR A 81 -20.63 12.77 -37.57
CA TYR A 81 -20.18 11.60 -38.33
C TYR A 81 -18.66 11.62 -38.52
N ALA A 82 -18.10 12.80 -38.78
CA ALA A 82 -16.67 12.92 -38.89
C ALA A 82 -15.97 12.44 -37.63
N LEU A 83 -16.49 12.83 -36.47
CA LEU A 83 -15.89 12.44 -35.19
C LEU A 83 -16.09 10.94 -34.89
N ASP A 84 -17.25 10.39 -35.25
CA ASP A 84 -17.53 8.96 -35.03
C ASP A 84 -16.56 8.12 -35.83
N THR A 85 -16.29 8.60 -37.05
CA THR A 85 -15.37 7.94 -37.97
C THR A 85 -13.93 8.06 -37.49
N LEU A 86 -13.55 9.25 -37.02
CA LEU A 86 -12.21 9.46 -36.45
C LEU A 86 -12.04 8.58 -35.21
N TYR A 87 -13.05 8.55 -34.32
CA TYR A 87 -13.03 7.65 -33.18
C TYR A 87 -12.71 6.22 -33.62
N ASN A 88 -13.41 5.77 -34.66
CA ASN A 88 -13.22 4.42 -35.17
C ASN A 88 -11.83 4.19 -35.75
N ILE A 89 -11.25 5.22 -36.37
CA ILE A 89 -9.86 5.13 -36.87
C ILE A 89 -8.90 4.93 -35.69
N ILE A 90 -9.13 5.70 -34.63
CA ILE A 90 -8.19 5.88 -33.53
C ILE A 90 -8.32 4.82 -32.43
N SER A 91 -9.55 4.45 -32.08
CA SER A 91 -9.80 3.57 -30.95
C SER A 91 -9.66 2.09 -31.28
N ASN A 92 -9.22 1.31 -30.27
CA ASN A 92 -9.10 -0.15 -30.41
C ASN A 92 -10.36 -0.96 -30.06
N ASP A 93 -11.39 -0.27 -29.56
CA ASP A 93 -12.76 -0.82 -29.51
C ASP A 93 -13.77 0.28 -29.18
N ASP A 108 -0.65 -2.83 -33.02
CA ASP A 108 -1.60 -1.91 -32.37
C ASP A 108 -1.95 -0.69 -33.26
N LEU A 109 -2.99 -0.86 -34.07
CA LEU A 109 -3.42 0.18 -35.01
C LEU A 109 -3.72 1.51 -34.29
N GLY A 110 -4.40 1.42 -33.17
CA GLY A 110 -4.84 2.62 -32.44
C GLY A 110 -3.74 3.62 -32.08
N SER A 111 -2.57 3.08 -31.73
CA SER A 111 -1.41 3.88 -31.31
C SER A 111 -0.82 4.74 -32.42
N GLN A 112 -0.63 4.16 -33.58
CA GLN A 112 -0.02 4.87 -34.68
C GLN A 112 -0.96 5.90 -35.32
N PHE A 113 -2.26 5.60 -35.35
CA PHE A 113 -3.24 6.56 -35.90
C PHE A 113 -3.34 7.78 -34.99
N THR A 114 -3.20 7.56 -33.68
CA THR A 114 -3.15 8.65 -32.73
C THR A 114 -1.95 9.56 -33.02
N GLU A 115 -0.79 8.97 -33.30
CA GLU A 115 0.40 9.76 -33.58
C GLU A 115 0.25 10.60 -34.84
N ILE A 116 -0.44 10.04 -35.83
CA ILE A 116 -0.65 10.74 -37.10
C ILE A 116 -1.59 11.91 -36.82
N PHE A 117 -2.70 11.63 -36.15
CA PHE A 117 -3.68 12.66 -35.79
C PHE A 117 -3.06 13.88 -35.12
N ILE A 118 -2.18 13.65 -34.14
CA ILE A 118 -1.65 14.77 -33.33
C ILE A 118 -0.39 15.44 -33.89
N LYS A 119 0.15 14.92 -35.00
CA LYS A 119 1.31 15.55 -35.65
C LYS A 119 1.03 17.05 -35.79
N GLN A 120 -0.13 17.37 -36.35
CA GLN A 120 -0.66 18.72 -36.28
C GLN A 120 -1.35 18.85 -34.94
N GLN A 121 -0.71 19.59 -34.03
CA GLN A 121 -1.23 19.79 -32.69
C GLN A 121 -2.54 20.57 -32.68
N GLU A 122 -2.78 21.39 -33.71
CA GLU A 122 -4.07 22.07 -33.85
C GLU A 122 -5.26 21.12 -34.04
N ASN A 123 -5.00 19.86 -34.39
CA ASN A 123 -6.07 18.90 -34.51
C ASN A 123 -6.69 18.62 -33.14
N VAL A 124 -5.87 18.59 -32.10
CA VAL A 124 -6.34 18.46 -30.71
C VAL A 124 -7.02 19.72 -30.19
N THR A 125 -6.42 20.89 -30.41
CA THR A 125 -7.08 22.12 -29.99
C THR A 125 -8.40 22.31 -30.75
N LEU A 126 -8.49 21.83 -31.99
CA LEU A 126 -9.77 21.85 -32.70
C LEU A 126 -10.82 21.01 -31.96
N LEU A 127 -10.44 19.84 -31.45
CA LEU A 127 -11.38 19.01 -30.67
C LEU A 127 -11.86 19.73 -29.41
N LEU A 128 -10.96 20.45 -28.76
CA LEU A 128 -11.31 21.21 -27.57
C LEU A 128 -12.38 22.25 -27.94
N SER A 129 -12.19 22.91 -29.09
CA SER A 129 -13.16 23.90 -29.57
C SER A 129 -14.50 23.27 -29.82
N LEU A 130 -14.49 22.09 -30.44
CA LEU A 130 -15.73 21.39 -30.73
C LEU A 130 -16.48 21.03 -29.44
N LEU A 131 -15.74 20.71 -28.37
CA LEU A 131 -16.33 20.34 -27.08
C LEU A 131 -17.00 21.51 -26.37
N GLU A 132 -16.88 22.72 -26.92
CA GLU A 132 -17.66 23.84 -26.46
C GLU A 132 -19.12 23.75 -26.97
N GLU A 133 -19.36 22.94 -28.00
CA GLU A 133 -20.72 22.69 -28.52
C GLU A 133 -21.48 21.72 -27.62
N PHE A 134 -22.78 21.95 -27.46
CA PHE A 134 -23.61 21.13 -26.58
C PHE A 134 -24.41 20.07 -27.29
N ASP A 135 -24.59 20.23 -28.60
CA ASP A 135 -25.30 19.24 -29.41
C ASP A 135 -24.75 17.84 -29.12
N PHE A 136 -25.64 16.91 -28.77
CA PHE A 136 -25.21 15.59 -28.29
C PHE A 136 -24.36 14.84 -29.31
N HIS A 137 -24.76 14.89 -30.58
CA HIS A 137 -24.07 14.16 -31.63
C HIS A 137 -22.68 14.72 -31.94
N VAL A 138 -22.38 15.93 -31.48
CA VAL A 138 -21.02 16.49 -31.53
C VAL A 138 -20.29 16.20 -30.21
N ARG A 139 -20.96 16.48 -29.11
CA ARG A 139 -20.28 16.43 -27.83
C ARG A 139 -19.86 15.01 -27.44
N TRP A 140 -20.77 14.06 -27.57
CA TRP A 140 -20.48 12.72 -27.08
C TRP A 140 -19.33 12.07 -27.85
N PRO A 141 -19.39 12.07 -29.20
CA PRO A 141 -18.24 11.51 -29.90
C PRO A 141 -16.96 12.29 -29.69
N GLY A 142 -17.06 13.60 -29.48
CA GLY A 142 -15.86 14.39 -29.17
C GLY A 142 -15.19 13.92 -27.89
N VAL A 143 -16.01 13.63 -26.88
CA VAL A 143 -15.51 13.20 -25.58
C VAL A 143 -14.85 11.82 -25.73
N LYS A 144 -15.51 10.93 -26.45
CA LYS A 144 -14.98 9.58 -26.65
C LYS A 144 -13.67 9.58 -27.44
N LEU A 145 -13.56 10.47 -28.42
CA LEU A 145 -12.35 10.52 -29.26
C LEU A 145 -11.18 11.10 -28.50
N LEU A 146 -11.41 12.20 -27.81
CA LEU A 146 -10.35 12.81 -27.04
C LEU A 146 -9.92 11.90 -25.89
N THR A 147 -10.85 11.12 -25.33
CA THR A 147 -10.48 10.16 -24.28
C THR A 147 -9.53 9.10 -24.82
N SER A 148 -9.83 8.59 -26.01
CA SER A 148 -9.01 7.57 -26.63
C SER A 148 -7.63 8.13 -26.95
N LEU A 149 -7.56 9.29 -27.58
CA LEU A 149 -6.28 9.95 -27.79
C LEU A 149 -5.50 10.04 -26.50
N LEU A 150 -6.18 10.46 -25.42
CA LEU A 150 -5.52 10.66 -24.13
C LEU A 150 -5.04 9.35 -23.52
N LYS A 151 -5.79 8.27 -23.75
CA LYS A 151 -5.39 6.97 -23.21
C LYS A 151 -4.18 6.43 -23.95
N GLN A 152 -4.13 6.64 -25.26
CA GLN A 152 -3.09 6.06 -26.10
C GLN A 152 -1.78 6.85 -26.09
N LEU A 153 -1.86 8.17 -26.00
CA LEU A 153 -0.64 9.00 -26.02
C LEU A 153 -0.72 10.09 -24.96
N GLY A 154 -1.01 9.65 -23.73
CA GLY A 154 -1.17 10.53 -22.58
C GLY A 154 -0.27 11.75 -22.50
N PRO A 155 1.04 11.56 -22.27
CA PRO A 155 1.87 12.75 -22.02
C PRO A 155 1.78 13.83 -23.09
N GLN A 156 1.76 13.42 -24.37
CA GLN A 156 1.77 14.35 -25.50
C GLN A 156 0.44 15.07 -25.66
N VAL A 157 -0.65 14.32 -25.59
CA VAL A 157 -1.97 14.95 -25.71
C VAL A 157 -2.25 15.84 -24.51
N GLN A 158 -1.91 15.37 -23.31
CA GLN A 158 -2.04 16.21 -22.10
C GLN A 158 -1.34 17.57 -22.22
N GLN A 159 -0.08 17.54 -22.69
CA GLN A 159 0.72 18.74 -22.88
C GLN A 159 0.07 19.74 -23.86
N ILE A 160 -0.53 19.23 -24.94
CA ILE A 160 -1.17 20.10 -25.92
C ILE A 160 -2.37 20.79 -25.25
N ILE A 161 -3.12 20.03 -24.45
CA ILE A 161 -4.31 20.55 -23.78
C ILE A 161 -3.92 21.56 -22.71
N LEU A 162 -2.88 21.25 -21.94
CA LEU A 162 -2.37 22.12 -20.86
C LEU A 162 -1.99 23.54 -21.33
N VAL A 163 -1.35 23.65 -22.49
CA VAL A 163 -0.89 24.97 -22.98
C VAL A 163 -1.96 25.69 -23.81
N SER A 164 -3.04 25.00 -24.15
CA SER A 164 -4.14 25.63 -24.86
C SER A 164 -5.03 26.43 -23.89
N PRO A 165 -5.21 27.74 -24.11
CA PRO A 165 -6.06 28.54 -23.21
C PRO A 165 -7.43 27.90 -23.02
N MET A 166 -7.89 27.84 -21.76
CA MET A 166 -9.17 27.22 -21.44
C MET A 166 -9.24 25.74 -21.77
N GLY A 167 -8.13 25.09 -22.08
CA GLY A 167 -8.18 23.68 -22.44
C GLY A 167 -8.65 22.78 -21.30
N VAL A 168 -8.04 22.90 -20.11
CA VAL A 168 -8.48 22.07 -18.99
C VAL A 168 -9.90 22.47 -18.55
N SER A 169 -10.19 23.76 -18.54
CA SER A 169 -11.53 24.25 -18.17
C SER A 169 -12.69 23.68 -18.98
N ARG A 170 -12.50 23.60 -20.29
CA ARG A 170 -13.53 23.07 -21.18
C ARG A 170 -13.80 21.59 -20.86
N LEU A 171 -12.79 20.89 -20.36
CA LEU A 171 -12.95 19.50 -20.04
C LEU A 171 -13.54 19.31 -18.65
N MET A 172 -13.10 20.12 -17.68
CA MET A 172 -13.72 20.10 -16.36
C MET A 172 -15.23 20.36 -16.44
N ASP A 173 -15.65 21.24 -17.33
CA ASP A 173 -17.06 21.59 -17.46
C ASP A 173 -17.91 20.42 -17.92
N LEU A 174 -17.28 19.39 -18.48
CA LEU A 174 -18.03 18.17 -18.83
C LEU A 174 -18.70 17.52 -17.63
N LEU A 175 -18.10 17.66 -16.45
CA LEU A 175 -18.71 17.20 -15.25
C LEU A 175 -20.00 17.93 -14.93
N ALA A 176 -20.28 19.04 -15.59
CA ALA A 176 -21.43 19.87 -15.26
C ALA A 176 -22.48 19.71 -16.31
N ASP A 177 -22.24 18.86 -17.29
CA ASP A 177 -23.25 18.62 -18.32
C ASP A 177 -24.46 17.98 -17.67
N SER A 178 -25.64 18.45 -18.03
CA SER A 178 -26.92 17.95 -17.56
C SER A 178 -27.15 16.52 -17.90
N ARG A 179 -26.52 16.03 -18.97
CA ARG A 179 -26.80 14.68 -19.44
C ARG A 179 -25.83 13.70 -18.79
N GLU A 180 -26.40 12.77 -18.06
CA GLU A 180 -25.64 11.78 -17.31
C GLU A 180 -24.62 11.02 -18.17
N VAL A 181 -24.98 10.64 -19.39
CA VAL A 181 -24.04 9.89 -20.25
C VAL A 181 -22.78 10.71 -20.49
N ILE A 182 -22.94 12.02 -20.73
CA ILE A 182 -21.79 12.88 -20.95
C ILE A 182 -21.00 13.12 -19.69
N ARG A 183 -21.68 13.39 -18.59
CA ARG A 183 -20.98 13.59 -17.33
C ARG A 183 -20.12 12.36 -16.98
N ASN A 184 -20.68 11.17 -17.17
CA ASN A 184 -20.03 9.92 -16.80
C ASN A 184 -18.85 9.67 -17.73
N ASP A 185 -19.03 9.89 -19.03
CA ASP A 185 -17.89 9.81 -19.95
C ASP A 185 -16.85 10.91 -19.73
N GLY A 186 -17.29 12.03 -19.15
CA GLY A 186 -16.41 13.11 -18.73
C GLY A 186 -15.48 12.73 -17.63
N VAL A 187 -16.00 12.00 -16.64
CA VAL A 187 -15.15 11.45 -15.59
C VAL A 187 -14.03 10.56 -16.16
N LEU A 188 -14.37 9.71 -17.13
CA LEU A 188 -13.35 8.83 -17.78
C LEU A 188 -12.32 9.63 -18.57
N LEU A 189 -12.77 10.68 -19.27
CA LEU A 189 -11.86 11.59 -19.97
C LEU A 189 -10.90 12.21 -18.96
N LEU A 190 -11.43 12.71 -17.85
CA LEU A 190 -10.58 13.36 -16.87
C LEU A 190 -9.62 12.41 -16.15
N GLN A 191 -9.98 11.14 -15.97
CA GLN A 191 -8.98 10.13 -15.54
C GLN A 191 -7.81 10.13 -16.51
N ALA A 192 -8.12 10.08 -17.81
CA ALA A 192 -7.07 10.01 -18.80
C ALA A 192 -6.24 11.31 -18.85
N LEU A 193 -6.90 12.45 -18.65
CA LEU A 193 -6.23 13.75 -18.67
C LEU A 193 -5.29 13.93 -17.49
N THR A 194 -5.72 13.48 -16.30
CA THR A 194 -4.96 13.70 -15.07
C THR A 194 -3.87 12.67 -14.85
N ARG A 195 -3.95 11.53 -15.52
CA ARG A 195 -3.05 10.41 -15.24
C ARG A 195 -1.60 10.84 -15.34
N SER A 196 -0.90 10.66 -14.23
CA SER A 196 0.51 10.98 -14.11
C SER A 196 0.86 12.38 -14.61
N ASN A 197 0.02 13.36 -14.32
CA ASN A 197 0.29 14.73 -14.72
C ASN A 197 -0.01 15.65 -13.54
N GLY A 198 1.04 15.99 -12.83
CA GLY A 198 0.97 16.86 -11.66
C GLY A 198 0.34 18.20 -11.94
N ALA A 199 0.78 18.85 -13.01
CA ALA A 199 0.32 20.19 -13.35
C ALA A 199 -1.20 20.18 -13.61
N ILE A 200 -1.70 19.24 -14.40
CA ILE A 200 -3.15 19.17 -14.67
C ILE A 200 -3.91 18.79 -13.40
N GLN A 201 -3.34 17.92 -12.56
CA GLN A 201 -3.99 17.56 -11.31
C GLN A 201 -4.24 18.76 -10.42
N LYS A 202 -3.25 19.64 -10.32
CA LYS A 202 -3.39 20.87 -9.52
C LYS A 202 -4.46 21.83 -10.08
N ILE A 203 -4.52 22.00 -11.39
CA ILE A 203 -5.58 22.84 -12.00
C ILE A 203 -6.98 22.30 -11.70
N VAL A 204 -7.16 20.99 -11.89
CA VAL A 204 -8.45 20.33 -11.67
C VAL A 204 -8.91 20.51 -10.19
N ALA A 205 -7.98 20.42 -9.26
CA ALA A 205 -8.28 20.66 -7.85
C ALA A 205 -8.75 22.12 -7.58
N PHE A 206 -8.08 23.08 -8.17
CA PHE A 206 -8.50 24.48 -8.04
C PHE A 206 -9.88 24.73 -8.66
N GLU A 207 -10.20 23.96 -9.70
CA GLU A 207 -11.48 24.10 -10.40
C GLU A 207 -12.61 23.27 -9.80
N ASN A 208 -12.46 22.93 -8.51
CA ASN A 208 -13.53 22.34 -7.71
C ASN A 208 -13.80 20.83 -7.88
N ALA A 209 -12.85 20.10 -8.46
CA ALA A 209 -13.04 18.68 -8.70
C ALA A 209 -13.36 17.91 -7.42
N PHE A 210 -12.69 18.18 -6.30
CA PHE A 210 -12.95 17.43 -5.06
C PHE A 210 -14.42 17.52 -4.62
N GLU A 211 -14.95 18.74 -4.55
CA GLU A 211 -16.34 18.94 -4.13
C GLU A 211 -17.29 18.26 -5.11
N ARG A 212 -17.01 18.44 -6.39
CA ARG A 212 -17.91 17.92 -7.43
C ARG A 212 -17.93 16.38 -7.42
N LEU A 213 -16.77 15.75 -7.36
CA LEU A 213 -16.70 14.30 -7.39
C LEU A 213 -17.28 13.69 -6.09
N LEU A 214 -16.98 14.28 -4.94
CA LEU A 214 -17.59 13.81 -3.69
C LEU A 214 -19.12 13.91 -3.74
N ASP A 215 -19.63 14.99 -4.33
CA ASP A 215 -21.07 15.17 -4.47
C ASP A 215 -21.67 14.16 -5.47
N ILE A 216 -20.97 13.82 -6.54
CA ILE A 216 -21.48 12.77 -7.46
C ILE A 216 -21.59 11.46 -6.66
N ILE A 217 -20.59 11.18 -5.84
CA ILE A 217 -20.57 9.94 -5.08
C ILE A 217 -21.71 9.89 -4.07
N THR A 218 -21.92 10.99 -3.36
CA THR A 218 -23.03 11.06 -2.44
C THR A 218 -24.38 10.84 -3.14
N GLU A 219 -24.59 11.55 -4.24
CA GLU A 219 -25.87 11.45 -4.96
C GLU A 219 -26.14 10.03 -5.47
N GLU A 220 -25.09 9.35 -5.93
CA GLU A 220 -25.21 8.01 -6.44
C GLU A 220 -25.34 6.95 -5.32
N GLY A 221 -25.15 7.33 -4.07
CA GLY A 221 -25.36 6.44 -2.95
C GLY A 221 -24.09 5.84 -2.35
N ASN A 222 -22.97 6.55 -2.46
CA ASN A 222 -21.71 6.13 -1.85
C ASN A 222 -21.29 4.75 -2.41
N SER A 223 -20.93 3.76 -1.59
CA SER A 223 -20.43 2.51 -2.14
C SER A 223 -21.49 1.71 -2.87
N ASP A 224 -22.77 1.98 -2.60
CA ASP A 224 -23.86 1.32 -3.35
C ASP A 224 -24.09 1.92 -4.75
N GLY A 225 -23.27 2.88 -5.16
CA GLY A 225 -23.53 3.59 -6.39
C GLY A 225 -22.93 3.09 -7.69
N GLY A 226 -22.53 1.83 -7.77
CA GLY A 226 -22.21 1.31 -9.13
C GLY A 226 -20.98 1.90 -9.79
N ILE A 227 -20.89 1.74 -11.11
CA ILE A 227 -19.65 1.99 -11.86
C ILE A 227 -19.27 3.48 -11.91
N VAL A 228 -20.26 4.36 -11.90
CA VAL A 228 -19.96 5.80 -11.87
C VAL A 228 -19.20 6.15 -10.60
N VAL A 229 -19.56 5.53 -9.47
CA VAL A 229 -18.83 5.77 -8.22
C VAL A 229 -17.37 5.27 -8.33
N GLU A 230 -17.19 4.07 -8.89
CA GLU A 230 -15.86 3.54 -9.13
C GLU A 230 -15.02 4.51 -9.98
N ASP A 231 -15.61 4.98 -11.07
CA ASP A 231 -14.91 5.97 -11.91
C ASP A 231 -14.55 7.29 -11.20
N CYS A 232 -15.44 7.79 -10.36
CA CYS A 232 -15.12 8.97 -9.58
C CYS A 232 -13.99 8.73 -8.58
N LEU A 233 -14.02 7.56 -7.93
CA LEU A 233 -12.98 7.20 -6.97
C LEU A 233 -11.62 7.04 -7.67
N ILE A 234 -11.60 6.48 -8.87
CA ILE A 234 -10.35 6.38 -9.63
C ILE A 234 -9.79 7.75 -9.98
N LEU A 235 -10.66 8.69 -10.35
CA LEU A 235 -10.25 10.05 -10.68
C LEU A 235 -9.71 10.73 -9.41
N LEU A 236 -10.36 10.52 -8.26
CA LEU A 236 -9.88 11.04 -7.00
C LEU A 236 -8.51 10.48 -6.65
N GLN A 237 -8.26 9.24 -7.00
CA GLN A 237 -6.97 8.66 -6.74
C GLN A 237 -5.89 9.29 -7.65
N ASN A 238 -6.23 9.50 -8.91
CA ASN A 238 -5.31 10.20 -9.82
C ASN A 238 -4.96 11.60 -9.27
N LEU A 239 -5.93 12.25 -8.65
CA LEU A 239 -5.74 13.60 -8.11
C LEU A 239 -4.89 13.67 -6.83
N LEU A 240 -4.85 12.57 -6.07
CA LEU A 240 -4.17 12.53 -4.77
C LEU A 240 -2.87 11.74 -4.74
N LYS A 241 -2.80 10.63 -5.47
CA LYS A 241 -1.68 9.70 -5.36
C LYS A 241 -0.40 10.38 -5.87
N ASN A 242 0.65 10.33 -5.06
CA ASN A 242 1.92 10.99 -5.38
C ASN A 242 1.76 12.52 -5.63
N ASN A 243 0.74 13.15 -5.06
CA ASN A 243 0.55 14.58 -5.21
C ASN A 243 0.42 15.25 -3.85
N ASN A 244 1.56 15.70 -3.32
CA ASN A 244 1.64 16.33 -2.00
C ASN A 244 0.81 17.60 -1.91
N SER A 245 0.84 18.39 -2.97
CA SER A 245 0.11 19.61 -2.99
C SER A 245 -1.40 19.37 -2.99
N ASN A 246 -1.90 18.41 -3.76
CA ASN A 246 -3.33 18.11 -3.76
C ASN A 246 -3.79 17.43 -2.47
N GLN A 247 -2.95 16.61 -1.84
CA GLN A 247 -3.32 15.99 -0.54
C GLN A 247 -3.47 17.10 0.49
N ASN A 248 -2.58 18.08 0.45
CA ASN A 248 -2.68 19.22 1.34
C ASN A 248 -3.96 20.01 1.07
N PHE A 249 -4.30 20.22 -0.22
CA PHE A 249 -5.53 20.95 -0.60
C PHE A 249 -6.76 20.22 -0.10
N PHE A 250 -6.76 18.90 -0.31
CA PHE A 250 -7.81 18.03 0.21
C PHE A 250 -8.02 18.21 1.70
N LYS A 251 -6.93 18.18 2.47
CA LYS A 251 -7.02 18.24 3.92
C LYS A 251 -7.45 19.66 4.35
N GLU A 252 -6.81 20.67 3.78
CA GLU A 252 -7.08 22.04 4.18
C GLU A 252 -8.45 22.54 3.65
N GLY A 253 -9.05 21.79 2.75
CA GLY A 253 -10.39 22.07 2.26
C GLY A 253 -11.49 21.42 3.05
N SER A 254 -11.11 20.76 4.15
CA SER A 254 -12.04 20.05 5.02
C SER A 254 -12.82 18.98 4.28
N TYR A 255 -12.17 18.33 3.31
CA TYR A 255 -12.78 17.23 2.61
C TYR A 255 -12.63 15.84 3.29
N ILE A 256 -11.71 15.69 4.22
CA ILE A 256 -11.51 14.34 4.84
C ILE A 256 -12.83 13.90 5.53
N GLN A 257 -13.54 14.84 6.17
CA GLN A 257 -14.83 14.55 6.77
C GLN A 257 -15.87 13.95 5.81
N ARG A 258 -15.75 14.23 4.49
CA ARG A 258 -16.67 13.67 3.53
C ARG A 258 -16.45 12.17 3.30
N MET A 259 -15.32 11.66 3.76
CA MET A 259 -15.02 10.23 3.64
C MET A 259 -15.75 9.38 4.72
N LYS A 260 -16.19 10.02 5.80
CA LYS A 260 -16.79 9.26 6.90
C LYS A 260 -18.09 8.54 6.48
N PRO A 261 -19.03 9.24 5.80
CA PRO A 261 -20.24 8.56 5.34
C PRO A 261 -20.02 7.34 4.45
N TRP A 262 -18.89 7.27 3.77
CA TRP A 262 -18.59 6.15 2.91
C TRP A 262 -18.53 4.81 3.67
N PHE A 263 -18.10 4.88 4.93
CA PHE A 263 -17.89 3.70 5.77
C PHE A 263 -19.01 3.47 6.78
N GLU A 264 -20.12 4.19 6.58
CA GLU A 264 -21.35 3.94 7.33
C GLU A 264 -22.09 2.85 6.60
N VAL A 265 -21.62 1.64 6.81
CA VAL A 265 -22.22 0.46 6.23
C VAL A 265 -22.63 -0.44 7.41
N GLY A 266 -23.90 -0.83 7.48
CA GLY A 266 -24.42 -1.57 8.63
C GLY A 266 -25.76 -2.26 8.48
N ASP A 267 -26.69 -1.63 7.74
CA ASP A 267 -28.02 -2.22 7.49
C ASP A 267 -27.94 -3.59 6.79
N GLU A 268 -26.94 -3.74 5.92
CA GLU A 268 -26.71 -5.00 5.20
C GLU A 268 -25.79 -5.93 6.02
N ASN A 269 -24.64 -6.31 5.45
CA ASN A 269 -23.61 -7.19 6.04
C ASN A 269 -23.89 -8.68 5.81
N SER A 270 -24.25 -8.99 4.56
CA SER A 270 -24.30 -10.36 4.06
C SER A 270 -24.27 -10.35 2.52
N GLY A 271 -25.25 -9.71 1.89
CA GLY A 271 -25.31 -9.63 0.43
C GLY A 271 -24.72 -8.36 -0.13
N TRP A 272 -23.41 -8.21 -0.02
CA TRP A 272 -22.68 -7.11 -0.64
C TRP A 272 -22.34 -7.45 -2.08
N SER A 273 -22.80 -6.61 -3.00
CA SER A 273 -22.54 -6.85 -4.42
C SER A 273 -21.04 -6.72 -4.67
N ALA A 274 -20.59 -7.27 -5.78
CA ALA A 274 -19.20 -7.18 -6.17
C ALA A 274 -18.82 -5.74 -6.42
N GLN A 275 -19.75 -4.95 -6.97
CA GLN A 275 -19.47 -3.55 -7.24
C GLN A 275 -19.35 -2.77 -5.93
N LYS A 276 -20.13 -3.14 -4.92
CA LYS A 276 -20.03 -2.45 -3.61
C LYS A 276 -18.68 -2.72 -2.98
N VAL A 277 -18.19 -3.95 -3.12
CA VAL A 277 -16.87 -4.33 -2.60
C VAL A 277 -15.78 -3.54 -3.35
N THR A 278 -15.86 -3.51 -4.67
CA THR A 278 -14.92 -2.75 -5.48
C THR A 278 -14.90 -1.30 -5.05
N ASN A 279 -16.07 -0.68 -4.88
CA ASN A 279 -16.10 0.72 -4.45
C ASN A 279 -15.47 0.92 -3.09
N LEU A 280 -15.87 0.11 -2.12
CA LEU A 280 -15.38 0.29 -0.75
C LEU A 280 -13.86 0.07 -0.70
N HIS A 281 -13.36 -0.87 -1.49
CA HIS A 281 -11.92 -1.10 -1.59
C HIS A 281 -11.19 0.16 -2.08
N LEU A 282 -11.72 0.79 -3.12
CA LEU A 282 -11.16 2.06 -3.59
C LEU A 282 -11.26 3.18 -2.56
N MET A 283 -12.38 3.23 -1.82
CA MET A 283 -12.54 4.23 -0.79
C MET A 283 -11.49 4.10 0.32
N LEU A 284 -11.26 2.88 0.79
CA LEU A 284 -10.19 2.62 1.77
C LEU A 284 -8.80 2.99 1.23
N GLN A 285 -8.56 2.72 -0.04
CA GLN A 285 -7.29 3.05 -0.66
C GLN A 285 -7.05 4.54 -0.68
N LEU A 286 -8.14 5.30 -0.83
CA LEU A 286 -8.07 6.75 -0.79
C LEU A 286 -7.71 7.24 0.60
N VAL A 287 -8.30 6.65 1.62
CA VAL A 287 -7.92 6.97 2.98
C VAL A 287 -6.43 6.71 3.15
N ARG A 288 -5.97 5.59 2.64
CA ARG A 288 -4.58 5.18 2.83
C ARG A 288 -3.57 6.14 2.15
N VAL A 289 -3.95 6.68 0.99
CA VAL A 289 -3.09 7.61 0.26
C VAL A 289 -2.73 8.78 1.18
N LEU A 290 -3.71 9.28 1.90
CA LEU A 290 -3.52 10.45 2.76
C LEU A 290 -2.62 10.22 3.99
N VAL A 291 -2.55 8.97 4.46
CA VAL A 291 -1.71 8.63 5.62
C VAL A 291 -0.59 7.66 5.28
N SER A 292 -0.23 7.58 4.00
CA SER A 292 0.84 6.70 3.58
C SER A 292 2.11 6.98 4.37
N PRO A 293 2.83 5.93 4.80
CA PRO A 293 4.13 6.12 5.44
C PRO A 293 5.17 6.80 4.56
N ASN A 294 5.01 6.78 3.24
CA ASN A 294 5.96 7.46 2.34
C ASN A 294 5.69 8.96 2.12
N ASN A 295 4.57 9.51 2.60
CA ASN A 295 4.36 10.96 2.53
C ASN A 295 5.40 11.73 3.33
N PRO A 296 5.53 13.05 3.11
CA PRO A 296 6.26 13.86 4.10
C PRO A 296 5.65 13.69 5.49
N PRO A 297 6.48 13.49 6.52
CA PRO A 297 5.91 13.08 7.82
C PRO A 297 4.77 13.95 8.33
N GLY A 298 4.93 15.28 8.24
CA GLY A 298 3.91 16.25 8.67
C GLY A 298 2.57 16.11 7.97
N ALA A 299 2.58 15.66 6.73
CA ALA A 299 1.34 15.50 6.00
C ALA A 299 0.52 14.30 6.58
N THR A 300 1.15 13.15 6.69
CA THR A 300 0.49 11.98 7.29
C THR A 300 -0.01 12.32 8.72
N SER A 301 0.82 12.94 9.53
CA SER A 301 0.44 13.25 10.91
C SER A 301 -0.78 14.13 10.99
N SER A 302 -0.78 15.16 10.14
CA SER A 302 -1.86 16.13 10.16
C SER A 302 -3.14 15.48 9.67
N CYS A 303 -3.04 14.61 8.67
CA CYS A 303 -4.20 13.84 8.22
C CYS A 303 -4.73 12.81 9.26
N GLN A 304 -3.82 12.19 10.00
CA GLN A 304 -4.20 11.26 11.08
C GLN A 304 -5.05 12.00 12.14
N LYS A 305 -4.59 13.18 12.51
CA LYS A 305 -5.33 14.05 13.43
C LYS A 305 -6.71 14.42 12.88
N ALA A 306 -6.77 14.82 11.61
CA ALA A 306 -8.05 15.22 11.02
C ALA A 306 -9.03 14.04 10.98
N MET A 307 -8.50 12.86 10.72
CA MET A 307 -9.31 11.66 10.67
C MET A 307 -9.88 11.33 12.04
N PHE A 308 -9.13 11.60 13.09
CA PHE A 308 -9.67 11.45 14.44
C PHE A 308 -10.71 12.50 14.73
N GLN A 309 -10.43 13.76 14.39
CA GLN A 309 -11.35 14.85 14.70
C GLN A 309 -12.70 14.76 14.03
N CYS A 310 -12.80 14.23 12.81
CA CYS A 310 -14.10 14.14 12.13
C CYS A 310 -14.78 12.78 12.37
N GLY A 311 -14.12 11.85 13.06
CA GLY A 311 -14.76 10.59 13.43
C GLY A 311 -14.56 9.48 12.41
N LEU A 312 -13.68 9.71 11.45
CA LEU A 312 -13.36 8.69 10.42
C LEU A 312 -12.69 7.45 11.03
N LEU A 313 -11.65 7.65 11.84
CA LEU A 313 -10.97 6.52 12.46
C LEU A 313 -11.95 5.66 13.24
N GLN A 314 -12.82 6.32 13.99
CA GLN A 314 -13.80 5.70 14.86
C GLN A 314 -14.79 4.89 14.01
N GLN A 315 -15.22 5.48 12.90
CA GLN A 315 -16.09 4.79 11.97
C GLN A 315 -15.41 3.57 11.32
N LEU A 316 -14.15 3.70 10.98
CA LEU A 316 -13.43 2.56 10.42
C LEU A 316 -13.27 1.42 11.47
N CYS A 317 -13.04 1.78 12.73
CA CYS A 317 -12.94 0.77 13.77
C CYS A 317 -14.27 0.08 13.98
N THR A 318 -15.36 0.77 13.68
CA THR A 318 -16.68 0.16 13.72
C THR A 318 -16.81 -0.98 12.71
N ILE A 319 -16.30 -0.80 11.49
CA ILE A 319 -16.45 -1.87 10.51
C ILE A 319 -15.48 -2.98 10.86
N LEU A 320 -14.36 -2.61 11.44
CA LEU A 320 -13.36 -3.56 11.84
C LEU A 320 -13.94 -4.57 12.86
N MET A 321 -14.84 -4.11 13.73
CA MET A 321 -15.45 -4.93 14.77
C MET A 321 -16.85 -5.45 14.42
N ALA A 322 -17.33 -5.22 13.20
CA ALA A 322 -18.67 -5.67 12.82
C ALA A 322 -18.66 -7.13 12.40
N THR A 323 -19.84 -7.64 12.10
CA THR A 323 -20.01 -9.01 11.65
C THR A 323 -20.51 -9.01 10.23
N GLY A 324 -20.09 -10.02 9.45
CA GLY A 324 -20.60 -10.25 8.10
C GLY A 324 -19.98 -9.36 7.02
N VAL A 325 -18.85 -8.75 7.35
CA VAL A 325 -18.07 -7.94 6.40
C VAL A 325 -17.24 -8.89 5.55
N PRO A 326 -17.31 -8.77 4.20
CA PRO A 326 -16.54 -9.67 3.34
C PRO A 326 -15.06 -9.67 3.68
N ALA A 327 -14.42 -10.82 3.51
CA ALA A 327 -13.03 -11.02 3.96
C ALA A 327 -12.10 -9.97 3.40
N ASP A 328 -12.28 -9.64 2.13
CA ASP A 328 -11.36 -8.69 1.46
C ASP A 328 -11.51 -7.26 1.99
N ILE A 329 -12.73 -6.86 2.30
CA ILE A 329 -12.95 -5.56 2.95
C ILE A 329 -12.40 -5.55 4.38
N LEU A 330 -12.64 -6.65 5.10
CA LEU A 330 -12.13 -6.75 6.47
C LEU A 330 -10.63 -6.58 6.51
N THR A 331 -9.93 -7.28 5.62
CA THR A 331 -8.49 -7.18 5.59
C THR A 331 -8.04 -5.80 5.22
N GLU A 332 -8.61 -5.23 4.15
CA GLU A 332 -8.23 -3.88 3.73
C GLU A 332 -8.53 -2.85 4.82
N THR A 333 -9.65 -3.01 5.52
CA THR A 333 -10.01 -2.12 6.62
C THR A 333 -9.00 -2.18 7.76
N ILE A 334 -8.56 -3.39 8.12
CA ILE A 334 -7.48 -3.52 9.09
C ILE A 334 -6.21 -2.83 8.61
N ASN A 335 -5.81 -3.04 7.36
CA ASN A 335 -4.60 -2.38 6.87
C ASN A 335 -4.75 -0.85 6.82
N THR A 336 -5.97 -0.35 6.66
CA THR A 336 -6.21 1.08 6.61
C THR A 336 -6.10 1.68 8.01
N VAL A 337 -6.78 1.05 8.97
CA VAL A 337 -6.76 1.54 10.36
C VAL A 337 -5.32 1.53 10.85
N SER A 338 -4.55 0.53 10.44
CA SER A 338 -3.13 0.47 10.76
C SER A 338 -2.40 1.77 10.42
N GLU A 339 -2.57 2.24 9.20
CA GLU A 339 -1.86 3.45 8.76
C GLU A 339 -2.48 4.71 9.37
N VAL A 340 -3.78 4.66 9.72
CA VAL A 340 -4.41 5.80 10.39
C VAL A 340 -3.85 6.02 11.80
N ILE A 341 -3.41 4.93 12.45
CA ILE A 341 -2.97 5.02 13.82
C ILE A 341 -1.47 5.07 13.92
N ARG A 342 -0.78 4.69 12.87
CA ARG A 342 0.66 4.44 12.94
C ARG A 342 1.44 5.65 13.40
N GLY A 343 2.06 5.54 14.58
CA GLY A 343 2.87 6.61 15.14
C GLY A 343 2.12 7.82 15.65
N CYS A 344 0.82 7.69 15.85
CA CYS A 344 -0.02 8.83 16.25
C CYS A 344 -0.66 8.51 17.62
N GLN A 345 -0.09 9.07 18.68
CA GLN A 345 -0.47 8.66 20.04
C GLN A 345 -1.98 8.70 20.30
N VAL A 346 -2.63 9.79 19.91
CA VAL A 346 -4.06 9.94 20.20
C VAL A 346 -4.83 8.84 19.51
N ASN A 347 -4.45 8.51 18.28
CA ASN A 347 -5.15 7.51 17.49
C ASN A 347 -4.85 6.10 17.99
N GLN A 348 -3.61 5.87 18.41
CA GLN A 348 -3.22 4.58 19.02
C GLN A 348 -3.99 4.33 20.31
N ASP A 349 -4.12 5.37 21.12
CA ASP A 349 -4.86 5.30 22.35
C ASP A 349 -6.35 5.07 22.07
N TYR A 350 -6.89 5.73 21.04
CA TYR A 350 -8.28 5.44 20.66
C TYR A 350 -8.45 3.94 20.33
N PHE A 351 -7.56 3.43 19.52
CA PHE A 351 -7.65 2.06 19.06
C PHE A 351 -7.64 1.09 20.25
N ALA A 352 -6.75 1.31 21.22
CA ALA A 352 -6.70 0.50 22.44
C ALA A 352 -7.99 0.55 23.23
N SER A 353 -8.75 1.67 23.15
CA SER A 353 -10.03 1.81 23.88
C SER A 353 -11.16 1.07 23.18
N VAL A 354 -10.97 0.65 21.93
CA VAL A 354 -12.03 -0.04 21.21
C VAL A 354 -12.19 -1.43 21.79
N ASN A 355 -13.43 -1.83 22.01
CA ASN A 355 -13.76 -3.17 22.51
C ASN A 355 -14.68 -3.89 21.54
N ALA A 356 -14.57 -5.22 21.51
CA ALA A 356 -15.57 -6.05 20.86
C ALA A 356 -16.81 -6.08 21.76
N PRO A 357 -18.01 -6.17 21.16
CA PRO A 357 -19.24 -6.35 21.94
C PRO A 357 -19.46 -7.79 22.45
N SER A 358 -18.75 -8.14 23.52
CA SER A 358 -18.86 -9.46 24.13
C SER A 358 -19.09 -9.35 25.63
N ASN A 359 -19.60 -10.44 26.21
CA ASN A 359 -20.09 -10.45 27.59
C ASN A 359 -18.97 -10.21 28.61
N PRO A 360 -17.76 -10.75 28.33
CA PRO A 360 -16.58 -10.12 28.86
C PRO A 360 -16.07 -9.18 27.77
N PRO A 361 -16.12 -7.85 28.01
CA PRO A 361 -15.61 -6.92 26.98
C PRO A 361 -14.15 -7.25 26.68
N ARG A 362 -13.82 -7.23 25.39
CA ARG A 362 -12.54 -7.71 24.88
C ARG A 362 -11.94 -6.62 24.03
N PRO A 363 -10.75 -6.10 24.41
CA PRO A 363 -10.07 -5.11 23.58
C PRO A 363 -9.83 -5.60 22.16
N ALA A 364 -9.98 -4.69 21.20
CA ALA A 364 -9.64 -4.94 19.80
C ALA A 364 -8.24 -5.52 19.61
N ILE A 365 -7.30 -5.03 20.40
CA ILE A 365 -5.93 -5.56 20.41
C ILE A 365 -5.89 -7.07 20.70
N VAL A 366 -6.64 -7.51 21.71
CA VAL A 366 -6.70 -8.95 21.99
C VAL A 366 -7.36 -9.70 20.83
N VAL A 367 -8.43 -9.11 20.25
CA VAL A 367 -9.10 -9.75 19.12
C VAL A 367 -8.15 -9.86 17.92
N LEU A 368 -7.33 -8.84 17.71
CA LEU A 368 -6.21 -8.87 16.75
C LEU A 368 -5.25 -10.02 17.00
N LEU A 369 -4.75 -10.12 18.21
CA LEU A 369 -3.73 -11.13 18.49
C LEU A 369 -4.27 -12.56 18.39
N MET A 370 -5.56 -12.73 18.69
CA MET A 370 -6.20 -14.03 18.60
C MET A 370 -6.17 -14.57 17.19
N SER A 371 -6.55 -13.69 16.28
CA SER A 371 -6.59 -14.01 14.87
C SER A 371 -5.17 -14.30 14.34
N MET A 372 -4.19 -13.52 14.79
CA MET A 372 -2.81 -13.65 14.29
C MET A 372 -2.20 -15.04 14.57
N VAL A 373 -2.51 -15.58 15.74
CA VAL A 373 -1.98 -16.87 16.16
C VAL A 373 -2.96 -18.01 15.89
N ASN A 374 -4.11 -17.70 15.32
CA ASN A 374 -5.07 -18.71 14.90
C ASN A 374 -4.54 -19.44 13.66
N GLU A 375 -4.02 -20.64 13.87
CA GLU A 375 -3.45 -21.48 12.82
C GLU A 375 -4.40 -21.62 11.61
N ARG A 376 -5.68 -21.32 11.82
CA ARG A 376 -6.73 -21.55 10.81
C ARG A 376 -7.06 -20.35 9.92
N GLN A 377 -6.85 -19.15 10.42
CA GLN A 377 -7.21 -17.92 9.69
C GLN A 377 -6.44 -17.76 8.38
N PRO A 378 -7.01 -17.01 7.42
CA PRO A 378 -6.30 -16.73 6.18
C PRO A 378 -4.98 -16.00 6.41
N PHE A 379 -3.97 -16.39 5.66
CA PHE A 379 -2.66 -15.79 5.74
C PHE A 379 -2.72 -14.27 5.62
N VAL A 380 -3.46 -13.74 4.64
CA VAL A 380 -3.49 -12.27 4.46
C VAL A 380 -4.11 -11.55 5.64
N LEU A 381 -5.09 -12.17 6.29
CA LEU A 381 -5.68 -11.60 7.51
C LEU A 381 -4.67 -11.61 8.66
N ARG A 382 -3.98 -12.72 8.84
CA ARG A 382 -2.95 -12.79 9.88
C ARG A 382 -1.85 -11.71 9.66
N CYS A 383 -1.44 -11.51 8.42
CA CYS A 383 -0.50 -10.41 8.09
C CYS A 383 -1.03 -9.01 8.43
N ALA A 384 -2.29 -8.77 8.07
CA ALA A 384 -2.95 -7.50 8.36
C ALA A 384 -3.04 -7.22 9.87
N VAL A 385 -3.45 -8.23 10.64
CA VAL A 385 -3.57 -8.08 12.07
C VAL A 385 -2.18 -7.82 12.68
N LEU A 386 -1.15 -8.48 12.16
CA LEU A 386 0.21 -8.16 12.57
C LEU A 386 0.59 -6.70 12.23
N TYR A 387 0.23 -6.24 11.04
CA TYR A 387 0.51 -4.85 10.68
C TYR A 387 -0.19 -3.88 11.65
N CYS A 388 -1.45 -4.16 11.99
CA CYS A 388 -2.20 -3.29 12.86
C CYS A 388 -1.58 -3.22 14.28
N PHE A 389 -1.07 -4.37 14.74
CA PHE A 389 -0.41 -4.44 16.04
C PHE A 389 0.93 -3.68 16.03
N GLN A 390 1.71 -3.83 14.97
CA GLN A 390 2.96 -3.06 14.80
C GLN A 390 2.71 -1.56 14.80
N CYS A 391 1.67 -1.15 14.09
CA CYS A 391 1.36 0.26 13.96
C CYS A 391 0.80 0.81 15.27
N PHE A 392 0.08 -0.03 16.03
CA PHE A 392 -0.38 0.36 17.36
C PHE A 392 0.81 0.65 18.28
N LEU A 393 1.87 -0.14 18.14
CA LEU A 393 3.06 -0.01 19.01
C LEU A 393 4.11 1.02 18.53
N TYR A 394 3.97 1.48 17.28
CA TYR A 394 5.03 2.28 16.64
C TYR A 394 5.17 3.65 17.32
N LYS A 395 6.31 3.88 17.92
CA LYS A 395 6.60 5.07 18.71
C LYS A 395 5.72 5.25 19.96
N ASN A 396 5.13 4.15 20.43
CA ASN A 396 4.13 4.22 21.48
C ASN A 396 4.63 3.44 22.69
N GLN A 397 5.45 4.08 23.49
CA GLN A 397 6.02 3.41 24.64
C GLN A 397 4.96 3.00 25.66
N LYS A 398 3.90 3.78 25.77
CA LYS A 398 2.79 3.45 26.65
C LYS A 398 2.21 2.11 26.26
N GLY A 399 1.87 1.96 24.98
CA GLY A 399 1.34 0.72 24.44
C GLY A 399 2.30 -0.45 24.57
N GLN A 400 3.56 -0.20 24.34
CA GLN A 400 4.57 -1.22 24.53
C GLN A 400 4.60 -1.75 25.97
N GLY A 401 4.53 -0.84 26.95
CA GLY A 401 4.63 -1.18 28.35
C GLY A 401 3.37 -1.94 28.78
N GLU A 402 2.23 -1.54 28.25
CA GLU A 402 0.98 -2.23 28.50
C GLU A 402 1.03 -3.69 28.05
N ILE A 403 1.63 -3.95 26.88
CA ILE A 403 1.74 -5.31 26.38
C ILE A 403 2.69 -6.13 27.27
N VAL A 404 3.86 -5.59 27.57
CA VAL A 404 4.87 -6.35 28.30
C VAL A 404 4.41 -6.64 29.73
N SER A 405 3.70 -5.70 30.34
CA SER A 405 3.32 -5.81 31.72
C SER A 405 2.39 -7.01 31.94
N THR A 406 1.67 -7.44 30.92
CA THR A 406 0.84 -8.62 31.04
C THR A 406 1.69 -9.89 31.19
N LEU A 407 2.99 -9.83 30.90
CA LEU A 407 3.87 -11.00 31.09
C LEU A 407 4.60 -11.05 32.43
N LEU A 408 4.47 -10.00 33.23
CA LEU A 408 5.28 -9.85 34.43
C LEU A 408 4.52 -10.36 35.64
N PRO A 409 5.25 -10.85 36.65
CA PRO A 409 4.62 -11.22 37.92
C PRO A 409 4.16 -9.97 38.69
N SER A 410 3.02 -9.42 38.27
CA SER A 410 2.44 -8.22 38.86
C SER A 410 0.91 -8.32 38.86
N THR A 411 0.34 -8.66 40.01
CA THR A 411 -1.11 -8.93 40.11
C THR A 411 -2.00 -7.67 40.02
N ILE A 412 -1.79 -6.86 38.98
CA ILE A 412 -2.70 -5.77 38.63
C ILE A 412 -3.93 -6.41 37.96
N ASP A 413 -5.11 -6.18 38.54
CA ASP A 413 -6.36 -6.80 38.06
C ASP A 413 -6.48 -6.88 36.53
N ALA A 414 -5.91 -7.93 35.95
CA ALA A 414 -5.98 -8.17 34.50
C ALA A 414 -7.39 -8.58 34.03
N THR A 415 -8.20 -9.12 34.95
CA THR A 415 -9.56 -9.59 34.63
C THR A 415 -10.49 -8.45 34.14
N GLY A 416 -11.66 -8.85 33.63
CA GLY A 416 -12.49 -8.00 32.77
C GLY A 416 -12.43 -8.64 31.38
N ASN A 417 -11.19 -8.78 30.88
CA ASN A 417 -10.84 -9.68 29.77
C ASN A 417 -9.83 -10.72 30.29
N THR A 418 -10.23 -11.99 30.38
CA THR A 418 -9.38 -12.98 31.04
C THR A 418 -8.14 -13.36 30.22
N VAL A 419 -8.23 -13.44 28.89
CA VAL A 419 -7.01 -13.75 28.10
C VAL A 419 -6.24 -12.47 27.72
N SER A 420 -4.96 -12.41 28.08
CA SER A 420 -4.20 -11.20 27.92
C SER A 420 -3.38 -11.25 26.65
N ALA A 421 -2.98 -10.08 26.17
CA ALA A 421 -2.11 -9.97 24.99
C ALA A 421 -0.81 -10.76 25.20
N GLY A 422 -0.21 -10.64 26.37
CA GLY A 422 0.99 -11.43 26.70
C GLY A 422 0.79 -12.95 26.63
N GLN A 423 -0.30 -13.45 27.21
CA GLN A 423 -0.59 -14.87 27.15
C GLN A 423 -0.74 -15.35 25.70
N LEU A 424 -1.33 -14.53 24.83
CA LEU A 424 -1.52 -14.93 23.43
C LEU A 424 -0.20 -14.98 22.69
N LEU A 425 0.70 -14.04 22.99
CA LEU A 425 1.99 -13.99 22.32
C LEU A 425 2.90 -15.14 22.75
N CYS A 426 2.90 -15.47 24.03
CA CYS A 426 3.63 -16.64 24.52
C CYS A 426 3.15 -17.94 23.87
N GLY A 427 1.83 -18.11 23.83
CA GLY A 427 1.23 -19.24 23.14
C GLY A 427 1.71 -19.34 21.72
N GLY A 428 1.71 -18.23 20.97
CA GLY A 428 2.16 -18.28 19.57
C GLY A 428 3.66 -18.53 19.44
N LEU A 429 4.42 -17.95 20.34
CA LEU A 429 5.87 -18.14 20.38
C LEU A 429 6.28 -19.61 20.51
N PHE A 430 5.52 -20.39 21.28
CA PHE A 430 5.90 -21.79 21.58
C PHE A 430 4.94 -22.79 20.99
N SER A 431 4.09 -22.33 20.08
CA SER A 431 3.20 -23.25 19.41
C SER A 431 4.00 -24.02 18.36
N THR A 432 3.38 -25.04 17.83
CA THR A 432 3.97 -25.86 16.80
C THR A 432 3.87 -25.23 15.39
N ASP A 433 3.15 -24.13 15.27
CA ASP A 433 2.97 -23.48 13.96
C ASP A 433 4.01 -22.38 13.76
N SER A 434 4.87 -22.56 12.77
CA SER A 434 6.01 -21.66 12.57
C SER A 434 5.57 -20.25 12.21
N LEU A 435 4.48 -20.13 11.48
CA LEU A 435 3.94 -18.81 11.17
C LEU A 435 3.55 -18.06 12.45
N SER A 436 2.85 -18.74 13.36
CA SER A 436 2.51 -18.14 14.65
C SER A 436 3.79 -17.83 15.41
N ASN A 437 4.80 -18.70 15.34
CA ASN A 437 6.08 -18.45 16.03
C ASN A 437 6.68 -17.14 15.52
N TRP A 438 6.74 -16.98 14.21
CA TRP A 438 7.32 -15.82 13.57
C TRP A 438 6.55 -14.55 13.94
N CYS A 439 5.24 -14.59 13.74
CA CYS A 439 4.44 -13.42 14.06
C CYS A 439 4.53 -13.01 15.53
N ALA A 440 4.56 -13.97 16.43
CA ALA A 440 4.58 -13.66 17.85
C ALA A 440 5.95 -13.08 18.21
N ALA A 441 7.00 -13.63 17.61
CA ALA A 441 8.36 -13.18 17.90
C ALA A 441 8.53 -11.74 17.38
N VAL A 442 8.04 -11.49 16.19
CA VAL A 442 8.08 -10.16 15.61
C VAL A 442 7.18 -9.18 16.39
N ALA A 443 5.96 -9.60 16.75
CA ALA A 443 5.09 -8.77 17.58
C ALA A 443 5.80 -8.37 18.88
N LEU A 444 6.47 -9.32 19.53
CA LEU A 444 7.20 -9.05 20.76
C LEU A 444 8.42 -8.12 20.53
N ALA A 445 9.14 -8.31 19.43
CA ALA A 445 10.26 -7.42 19.09
C ALA A 445 9.77 -5.96 18.97
N HIS A 446 8.60 -5.76 18.38
CA HIS A 446 7.97 -4.43 18.28
C HIS A 446 7.52 -3.87 19.61
N ALA A 447 7.26 -4.75 20.59
CA ALA A 447 7.01 -4.30 21.97
C ALA A 447 8.26 -3.86 22.75
N LEU A 448 9.43 -4.34 22.32
CA LEU A 448 10.69 -4.00 22.95
C LEU A 448 11.45 -2.88 22.26
N GLN A 449 11.22 -2.70 20.98
CA GLN A 449 12.10 -1.85 20.21
C GLN A 449 12.18 -0.42 20.75
N GLU A 450 13.42 0.03 20.87
CA GLU A 450 13.81 1.36 21.41
C GLU A 450 13.23 1.61 22.81
N ASN A 451 12.93 0.54 23.56
CA ASN A 451 12.34 0.67 24.87
C ASN A 451 13.26 0.03 25.90
N ALA A 452 14.07 0.87 26.53
CA ALA A 452 15.11 0.43 27.45
C ALA A 452 14.50 -0.30 28.66
N THR A 453 13.42 0.28 29.19
CA THR A 453 12.74 -0.25 30.36
C THR A 453 12.13 -1.62 30.08
N GLN A 454 11.44 -1.77 28.96
CA GLN A 454 10.75 -3.03 28.68
C GLN A 454 11.72 -4.15 28.33
N LYS A 455 12.85 -3.82 27.72
CA LYS A 455 13.90 -4.81 27.50
C LYS A 455 14.38 -5.39 28.82
N GLU A 456 14.56 -4.52 29.81
CA GLU A 456 14.96 -5.00 31.13
C GLU A 456 13.82 -5.76 31.84
N GLN A 457 12.59 -5.26 31.72
CA GLN A 457 11.45 -5.91 32.38
C GLN A 457 11.28 -7.34 31.89
N LEU A 458 11.43 -7.54 30.58
CA LEU A 458 11.15 -8.81 29.98
C LEU A 458 12.13 -9.88 30.48
N LEU A 459 13.32 -9.46 30.92
CA LEU A 459 14.28 -10.37 31.50
C LEU A 459 13.78 -11.03 32.78
N ARG A 460 12.77 -10.46 33.44
CA ARG A 460 12.27 -11.07 34.69
C ARG A 460 11.28 -12.20 34.40
N VAL A 461 10.85 -12.38 33.16
CA VAL A 461 9.80 -13.33 32.84
C VAL A 461 10.36 -14.76 32.85
N GLN A 462 9.77 -15.62 33.67
CA GLN A 462 10.15 -17.04 33.72
C GLN A 462 8.99 -17.85 33.17
N LEU A 463 9.28 -18.78 32.27
CA LEU A 463 8.24 -19.60 31.67
C LEU A 463 7.61 -20.56 32.67
N ALA A 464 6.28 -20.72 32.55
CA ALA A 464 5.59 -21.81 33.22
C ALA A 464 6.04 -23.06 32.48
N THR A 465 6.76 -23.93 33.16
CA THR A 465 7.26 -25.16 32.53
C THR A 465 6.33 -26.32 32.86
N SER A 466 6.25 -27.32 31.99
CA SER A 466 5.44 -28.49 32.29
C SER A 466 6.19 -29.43 33.25
N ILE A 467 5.46 -30.39 33.75
CA ILE A 467 5.93 -31.24 34.85
C ILE A 467 7.30 -31.86 34.56
N GLY A 468 8.21 -31.79 35.54
CA GLY A 468 9.54 -32.38 35.42
C GLY A 468 10.61 -31.38 34.98
N ASN A 469 10.24 -30.43 34.14
CA ASN A 469 11.19 -29.49 33.54
C ASN A 469 11.66 -28.43 34.54
N PRO A 470 12.96 -28.10 34.54
CA PRO A 470 13.44 -27.05 35.42
C PRO A 470 13.01 -25.66 34.95
N PRO A 471 13.05 -24.67 35.86
CA PRO A 471 12.73 -23.31 35.46
C PRO A 471 13.69 -22.81 34.39
N VAL A 472 13.16 -21.94 33.52
CA VAL A 472 13.89 -21.35 32.41
C VAL A 472 13.28 -19.97 32.12
N SER A 473 14.14 -18.97 31.90
CA SER A 473 13.68 -17.62 31.56
C SER A 473 13.13 -17.59 30.14
N LEU A 474 12.30 -16.60 29.87
CA LEU A 474 11.80 -16.40 28.49
C LEU A 474 12.96 -16.20 27.52
N LEU A 475 13.95 -15.41 27.93
CA LEU A 475 15.13 -15.16 27.11
C LEU A 475 15.83 -16.47 26.76
N GLN A 476 16.09 -17.30 27.76
CA GLN A 476 16.83 -18.54 27.54
C GLN A 476 16.01 -19.52 26.73
N GLN A 477 14.71 -19.60 27.00
CA GLN A 477 13.85 -20.50 26.22
C GLN A 477 13.83 -20.10 24.74
N CYS A 478 13.75 -18.80 24.42
CA CYS A 478 13.84 -18.37 23.01
C CYS A 478 15.13 -18.87 22.38
N THR A 479 16.21 -18.75 23.13
CA THR A 479 17.50 -19.21 22.68
C THR A 479 17.55 -20.73 22.55
N ASN A 480 17.03 -21.43 23.56
CA ASN A 480 17.02 -22.89 23.54
C ASN A 480 16.35 -23.45 22.27
N ILE A 481 15.29 -22.79 21.79
CA ILE A 481 14.55 -23.29 20.61
C ILE A 481 15.40 -23.34 19.35
N LEU A 482 16.45 -22.50 19.30
CA LEU A 482 17.33 -22.45 18.13
C LEU A 482 18.12 -23.74 17.89
N SER A 483 18.28 -24.58 18.90
CA SER A 483 19.02 -25.84 18.72
C SER A 483 18.10 -27.05 18.89
N GLN A 484 16.84 -26.91 18.49
CA GLN A 484 15.87 -27.98 18.71
C GLN A 484 15.30 -28.61 17.44
N GLY A 485 15.96 -28.40 16.31
CA GLY A 485 15.45 -28.90 15.04
C GLY A 485 14.15 -28.19 14.67
N SER A 486 14.04 -26.93 15.10
CA SER A 486 12.88 -26.12 14.76
C SER A 486 13.00 -25.66 13.31
N LYS A 487 11.88 -25.31 12.70
CA LYS A 487 11.87 -24.82 11.33
C LYS A 487 12.67 -23.52 11.24
N ILE A 488 13.20 -23.26 10.04
CA ILE A 488 13.97 -22.06 9.79
C ILE A 488 13.15 -20.81 10.14
N GLN A 489 11.89 -20.80 9.70
CA GLN A 489 11.01 -19.67 9.90
C GLN A 489 10.90 -19.36 11.37
N THR A 490 10.71 -20.40 12.19
CA THR A 490 10.69 -20.22 13.64
C THR A 490 11.95 -19.54 14.13
N ARG A 491 13.09 -20.00 13.66
CA ARG A 491 14.36 -19.55 14.18
C ARG A 491 14.73 -18.16 13.71
N VAL A 492 14.39 -17.82 12.47
CA VAL A 492 14.54 -16.44 12.00
C VAL A 492 13.78 -15.45 12.90
N GLY A 493 12.51 -15.73 13.19
CA GLY A 493 11.72 -14.89 14.06
C GLY A 493 12.32 -14.74 15.44
N LEU A 494 12.70 -15.85 16.06
CA LEU A 494 13.33 -15.80 17.37
C LEU A 494 14.67 -15.04 17.35
N LEU A 495 15.44 -15.18 16.28
CA LEU A 495 16.70 -14.46 16.21
C LEU A 495 16.47 -12.94 16.02
N MET A 496 15.44 -12.54 15.25
CA MET A 496 15.14 -11.10 15.11
C MET A 496 14.74 -10.55 16.47
N LEU A 497 14.00 -11.35 17.23
CA LEU A 497 13.56 -10.94 18.56
C LEU A 497 14.79 -10.76 19.45
N LEU A 498 15.68 -11.74 19.43
CA LEU A 498 16.82 -11.77 20.35
C LEU A 498 17.80 -10.63 20.04
N CYS A 499 18.05 -10.37 18.77
CA CYS A 499 18.86 -9.25 18.34
C CYS A 499 18.27 -7.90 18.80
N THR A 500 16.96 -7.73 18.59
CA THR A 500 16.26 -6.54 19.05
C THR A 500 16.34 -6.35 20.57
N TRP A 501 16.09 -7.44 21.30
CA TRP A 501 16.16 -7.48 22.78
C TRP A 501 17.53 -7.06 23.31
N LEU A 502 18.58 -7.65 22.77
CA LEU A 502 19.93 -7.36 23.27
C LEU A 502 20.46 -6.00 22.78
N SER A 503 20.00 -5.52 21.64
CA SER A 503 20.56 -4.27 21.09
C SER A 503 20.38 -3.16 22.13
N ASN A 504 21.45 -2.42 22.37
CA ASN A 504 21.40 -1.28 23.30
C ASN A 504 21.02 -1.64 24.73
N CYS A 505 21.22 -2.90 25.13
CA CYS A 505 20.78 -3.36 26.46
C CYS A 505 21.84 -4.29 27.05
N PRO A 506 22.92 -3.71 27.61
CA PRO A 506 24.00 -4.46 28.20
C PRO A 506 23.55 -5.51 29.24
N ILE A 507 22.54 -5.20 30.04
CA ILE A 507 22.06 -6.17 31.02
C ILE A 507 21.45 -7.42 30.36
N ALA A 508 20.71 -7.23 29.26
CA ALA A 508 20.24 -8.38 28.48
C ALA A 508 21.42 -9.17 27.97
N VAL A 509 22.43 -8.46 27.47
CA VAL A 509 23.61 -9.13 26.95
C VAL A 509 24.22 -10.04 28.02
N THR A 510 24.37 -9.52 29.24
CA THR A 510 24.92 -10.26 30.37
C THR A 510 24.09 -11.49 30.71
N HIS A 511 22.77 -11.35 30.80
CA HIS A 511 21.88 -12.50 31.07
C HIS A 511 22.03 -13.55 29.97
N PHE A 512 22.20 -13.11 28.72
CA PHE A 512 22.43 -14.03 27.60
C PHE A 512 23.77 -14.76 27.71
N LEU A 513 24.84 -14.01 27.93
CA LEU A 513 26.18 -14.57 27.96
C LEU A 513 26.42 -15.44 29.21
N HIS A 514 25.73 -15.11 30.30
CA HIS A 514 25.85 -15.83 31.57
C HIS A 514 25.42 -17.30 31.50
N ASN A 515 24.53 -17.66 30.58
CA ASN A 515 24.19 -19.07 30.38
C ASN A 515 25.24 -19.70 29.46
N SER A 516 25.99 -20.65 30.00
CA SER A 516 27.24 -21.12 29.39
C SER A 516 27.08 -21.88 28.06
N ALA A 517 25.87 -22.33 27.73
CA ALA A 517 25.61 -23.00 26.43
C ALA A 517 25.53 -22.03 25.22
N ASN A 518 25.25 -20.76 25.48
CA ASN A 518 24.89 -19.83 24.41
C ASN A 518 26.01 -19.43 23.43
N VAL A 519 27.16 -19.02 23.95
CA VAL A 519 28.30 -18.66 23.09
C VAL A 519 28.82 -19.85 22.27
N PRO A 520 29.07 -21.02 22.91
CA PRO A 520 29.46 -22.19 22.10
C PRO A 520 28.46 -22.53 21.00
N PHE A 521 27.16 -22.51 21.32
CA PHE A 521 26.14 -22.74 20.31
C PHE A 521 26.30 -21.78 19.11
N LEU A 522 26.35 -20.48 19.39
CA LEU A 522 26.49 -19.45 18.34
C LEU A 522 27.74 -19.67 17.48
N THR A 523 28.88 -19.87 18.12
CA THR A 523 30.11 -20.05 17.38
C THR A 523 30.05 -21.32 16.54
N GLY A 524 29.44 -22.37 17.09
CA GLY A 524 29.27 -23.64 16.36
C GLY A 524 28.42 -23.46 15.11
N GLN A 525 27.28 -22.75 15.24
CA GLN A 525 26.38 -22.52 14.11
C GLN A 525 27.05 -21.75 12.97
N ILE A 526 27.80 -20.71 13.35
CA ILE A 526 28.43 -19.81 12.39
C ILE A 526 29.61 -20.51 11.69
N ALA A 527 30.29 -21.40 12.41
CA ALA A 527 31.47 -22.09 11.90
C ALA A 527 31.15 -23.16 10.85
N GLU A 528 29.96 -23.73 10.92
CA GLU A 528 29.56 -24.83 10.02
C GLU A 528 29.41 -24.42 8.55
N ASN A 529 29.52 -25.40 7.66
CA ASN A 529 29.42 -25.21 6.20
C ASN A 529 28.11 -25.77 5.65
N LEU A 530 27.02 -25.05 5.91
CA LEU A 530 25.66 -25.55 5.65
C LEU A 530 25.10 -25.05 4.31
N GLY A 531 23.95 -25.59 3.91
CA GLY A 531 23.28 -25.19 2.68
C GLY A 531 22.79 -23.75 2.67
N GLU A 532 22.43 -23.25 1.50
CA GLU A 532 22.07 -21.84 1.30
C GLU A 532 20.93 -21.34 2.18
N GLU A 533 19.87 -22.13 2.33
CA GLU A 533 18.71 -21.73 3.15
C GLU A 533 19.07 -21.57 4.62
N GLU A 534 19.98 -22.42 5.09
CA GLU A 534 20.48 -22.35 6.45
C GLU A 534 21.44 -21.16 6.69
N GLN A 535 21.99 -20.58 5.62
CA GLN A 535 22.97 -19.48 5.76
C GLN A 535 22.36 -18.25 6.41
N LEU A 536 21.09 -17.98 6.13
CA LEU A 536 20.43 -16.85 6.76
C LEU A 536 20.46 -17.00 8.29
N VAL A 537 20.17 -18.20 8.79
CA VAL A 537 20.22 -18.43 10.23
C VAL A 537 21.64 -18.19 10.75
N GLN A 538 22.65 -18.67 10.01
CA GLN A 538 24.04 -18.40 10.37
C GLN A 538 24.35 -16.92 10.46
N GLY A 539 23.89 -16.16 9.47
CA GLY A 539 24.07 -14.71 9.46
C GLY A 539 23.46 -14.01 10.66
N LEU A 540 22.21 -14.40 11.01
CA LEU A 540 21.54 -13.88 12.19
C LEU A 540 22.25 -14.29 13.48
N CYS A 541 22.79 -15.51 13.53
CA CYS A 541 23.63 -15.90 14.65
C CYS A 541 24.87 -15.01 14.78
N ALA A 542 25.45 -14.62 13.65
CA ALA A 542 26.62 -13.73 13.67
C ALA A 542 26.23 -12.35 14.19
N LEU A 543 25.06 -11.85 13.77
CA LEU A 543 24.58 -10.56 14.22
C LEU A 543 24.40 -10.59 15.73
N LEU A 544 23.74 -11.63 16.23
CA LEU A 544 23.52 -11.79 17.66
C LEU A 544 24.85 -11.85 18.43
N LEU A 545 25.83 -12.59 17.92
CA LEU A 545 27.13 -12.65 18.59
C LEU A 545 27.83 -11.26 18.55
N GLY A 546 27.71 -10.56 17.43
CA GLY A 546 28.27 -9.20 17.29
C GLY A 546 27.64 -8.22 18.28
N ILE A 547 26.33 -8.33 18.44
CA ILE A 547 25.59 -7.49 19.40
C ILE A 547 26.11 -7.76 20.82
N SER A 548 26.47 -9.01 21.09
CA SER A 548 26.94 -9.40 22.41
C SER A 548 28.36 -8.95 22.66
N ILE A 549 29.06 -8.49 21.63
CA ILE A 549 30.35 -7.81 21.77
C ILE A 549 30.16 -6.30 21.85
N TYR A 550 29.40 -5.73 20.91
CA TYR A 550 29.25 -4.28 20.76
C TYR A 550 28.57 -3.64 21.99
N PHE A 551 27.58 -4.33 22.52
CA PHE A 551 26.86 -3.88 23.69
C PHE A 551 27.30 -4.56 24.99
N ASN A 552 28.53 -5.06 25.02
CA ASN A 552 29.10 -5.78 26.18
C ASN A 552 29.76 -4.78 27.10
N ASP A 553 29.27 -4.66 28.33
CA ASP A 553 29.84 -3.69 29.28
C ASP A 553 31.01 -4.29 30.08
N ASN A 554 31.47 -5.49 29.73
CA ASN A 554 32.59 -6.18 30.39
C ASN A 554 32.37 -6.45 31.88
N SER A 555 31.11 -6.58 32.30
CA SER A 555 30.79 -6.86 33.71
C SER A 555 30.82 -8.35 33.99
N LEU A 556 30.76 -9.18 32.93
CA LEU A 556 30.78 -10.64 33.06
C LEU A 556 32.16 -11.18 32.68
N GLU A 557 32.99 -11.44 33.68
CA GLU A 557 34.39 -11.87 33.49
C GLU A 557 34.57 -13.00 32.47
N THR A 558 33.65 -13.96 32.48
CA THR A 558 33.73 -15.12 31.59
C THR A 558 33.69 -14.74 30.10
N TYR A 559 32.95 -13.68 29.75
CA TYR A 559 32.82 -13.28 28.35
C TYR A 559 32.91 -11.76 28.16
N MET A 560 34.14 -11.26 28.32
CA MET A 560 34.44 -9.87 28.01
C MET A 560 34.64 -9.75 26.50
N LYS A 561 34.58 -8.52 25.98
CA LYS A 561 34.71 -8.28 24.55
C LYS A 561 35.92 -8.97 23.92
N GLU A 562 37.10 -8.81 24.50
CA GLU A 562 38.31 -9.39 23.92
C GLU A 562 38.23 -10.92 23.87
N LYS A 563 37.67 -11.55 24.91
CA LYS A 563 37.51 -13.03 24.92
C LYS A 563 36.61 -13.46 23.76
N LEU A 564 35.49 -12.77 23.59
CA LEU A 564 34.55 -13.12 22.52
C LEU A 564 35.18 -12.93 21.14
N LYS A 565 35.95 -11.86 20.97
CA LYS A 565 36.63 -11.60 19.69
C LYS A 565 37.67 -12.65 19.38
N GLN A 566 38.47 -13.02 20.39
CA GLN A 566 39.47 -14.07 20.21
C GLN A 566 38.77 -15.39 19.85
N LEU A 567 37.66 -15.67 20.51
CA LEU A 567 36.85 -16.83 20.17
C LEU A 567 36.41 -16.83 18.70
N ILE A 568 35.94 -15.70 18.17
CA ILE A 568 35.58 -15.64 16.75
C ILE A 568 36.76 -15.99 15.85
N GLU A 569 37.91 -15.42 16.16
CA GLU A 569 39.11 -15.62 15.37
C GLU A 569 39.49 -17.09 15.35
N LYS A 570 39.43 -17.73 16.51
CA LYS A 570 39.86 -19.14 16.63
C LYS A 570 38.85 -20.10 16.01
N ARG A 571 37.59 -19.99 16.46
CA ARG A 571 36.55 -20.94 16.08
C ARG A 571 36.07 -20.77 14.64
N ILE A 572 36.07 -19.54 14.14
CA ILE A 572 35.43 -19.27 12.84
C ILE A 572 36.28 -18.41 11.87
N GLY A 573 37.12 -17.51 12.40
CA GLY A 573 37.94 -16.60 11.57
C GLY A 573 37.21 -15.28 11.36
N LYS A 574 37.91 -14.16 11.50
CA LYS A 574 37.26 -12.85 11.48
C LYS A 574 36.60 -12.55 10.13
N GLU A 575 37.32 -12.82 9.04
CA GLU A 575 36.78 -12.55 7.70
C GLU A 575 35.54 -13.41 7.40
N ASN A 576 35.62 -14.68 7.80
CA ASN A 576 34.50 -15.62 7.70
C ASN A 576 33.28 -15.12 8.50
N PHE A 577 33.52 -14.61 9.70
CA PHE A 577 32.44 -14.05 10.53
C PHE A 577 31.67 -12.98 9.76
N ILE A 578 32.41 -12.10 9.08
CA ILE A 578 31.84 -10.95 8.39
C ILE A 578 31.08 -11.33 7.12
N GLU A 579 31.66 -12.27 6.36
CA GLU A 579 30.96 -12.88 5.23
C GLU A 579 29.58 -13.41 5.67
N LYS A 580 29.56 -14.18 6.76
CA LYS A 580 28.32 -14.78 7.24
C LYS A 580 27.34 -13.67 7.70
N LEU A 581 27.86 -12.67 8.42
CA LEU A 581 27.03 -11.52 8.83
C LEU A 581 26.43 -10.84 7.60
N GLY A 582 27.22 -10.75 6.53
CA GLY A 582 26.79 -10.19 5.26
C GLY A 582 25.67 -10.91 4.53
N PHE A 583 25.43 -12.19 4.85
CA PHE A 583 24.34 -12.95 4.19
C PHE A 583 22.95 -12.32 4.38
N ILE A 584 22.71 -11.74 5.55
CA ILE A 584 21.39 -11.22 5.86
C ILE A 584 20.97 -10.17 4.83
N SER A 585 21.78 -9.12 4.70
CA SER A 585 21.40 -7.96 3.88
C SER A 585 21.51 -8.25 2.39
N LYS A 586 22.24 -9.31 2.04
CA LYS A 586 22.35 -9.76 0.66
C LYS A 586 21.22 -10.72 0.23
N HIS A 587 20.37 -11.12 1.17
CA HIS A 587 19.28 -12.09 0.88
C HIS A 587 18.25 -11.48 -0.07
N GLU A 588 17.62 -12.29 -0.90
CA GLU A 588 16.75 -11.75 -1.95
C GLU A 588 15.55 -10.95 -1.40
N LEU A 589 15.04 -11.36 -0.24
CA LEU A 589 13.84 -10.75 0.31
C LEU A 589 14.12 -9.55 1.23
N TYR A 590 15.39 -9.32 1.55
CA TYR A 590 15.78 -8.29 2.50
C TYR A 590 15.52 -6.89 1.95
N SER A 591 15.93 -6.67 0.71
CA SER A 591 15.71 -5.40 0.04
C SER A 591 14.25 -4.96 0.08
N ARG A 592 13.36 -5.90 -0.18
CA ARG A 592 11.93 -5.60 -0.20
C ARG A 592 11.41 -5.25 1.19
N ALA A 593 11.84 -6.01 2.20
CA ALA A 593 11.44 -5.75 3.57
C ALA A 593 11.94 -4.37 4.06
N SER A 594 13.14 -3.99 3.63
CA SER A 594 13.70 -2.67 3.97
C SER A 594 12.92 -1.51 3.37
N GLN A 595 12.29 -1.71 2.22
CA GLN A 595 11.61 -0.61 1.54
C GLN A 595 10.16 -0.46 1.96
N LYS A 596 9.50 -1.55 2.32
CA LYS A 596 8.07 -1.53 2.62
C LYS A 596 7.78 -1.78 4.12
N PRO A 597 7.05 -0.86 4.77
CA PRO A 597 6.66 -1.14 6.15
C PRO A 597 5.60 -2.23 6.27
N GLN A 598 4.73 -2.41 5.29
CA GLN A 598 3.67 -3.41 5.41
C GLN A 598 4.21 -4.85 5.29
N PRO A 599 3.82 -5.76 6.21
CA PRO A 599 4.23 -7.15 6.07
C PRO A 599 3.23 -7.96 5.25
N ASN A 600 2.92 -7.52 4.03
CA ASN A 600 1.88 -8.21 3.24
C ASN A 600 2.57 -9.15 2.23
N PHE A 601 3.25 -10.15 2.77
CA PHE A 601 4.01 -11.13 1.96
C PHE A 601 3.08 -11.88 1.01
N PRO A 602 3.56 -12.28 -0.19
CA PRO A 602 2.75 -13.04 -1.16
C PRO A 602 2.20 -14.37 -0.62
N SER A 603 3.04 -15.10 0.12
CA SER A 603 2.61 -16.38 0.68
C SER A 603 3.48 -16.71 1.89
N PRO A 604 3.06 -17.72 2.69
CA PRO A 604 3.74 -18.00 3.96
C PRO A 604 5.25 -18.16 3.86
N GLU A 605 5.76 -18.66 2.73
CA GLU A 605 7.20 -18.90 2.59
C GLU A 605 8.04 -17.63 2.41
N TYR A 606 7.36 -16.51 2.16
CA TYR A 606 8.04 -15.22 2.02
C TYR A 606 8.15 -14.48 3.36
N MET A 607 7.45 -14.97 4.38
CA MET A 607 7.44 -14.37 5.69
C MET A 607 8.76 -14.69 6.40
N ILE A 608 9.76 -13.86 6.13
CA ILE A 608 11.10 -14.06 6.68
C ILE A 608 11.64 -12.83 7.42
N PHE A 609 11.64 -11.68 6.74
CA PHE A 609 12.12 -10.39 7.32
C PHE A 609 11.02 -9.43 7.80
N ASP A 610 11.27 -8.80 8.93
CA ASP A 610 10.47 -7.68 9.47
C ASP A 610 11.14 -6.38 9.02
N HIS A 611 10.34 -5.38 8.62
CA HIS A 611 10.85 -4.08 8.14
C HIS A 611 11.73 -3.37 9.21
N GLU A 612 11.19 -3.26 10.43
CA GLU A 612 11.95 -2.61 11.50
C GLU A 612 13.25 -3.36 11.79
N PHE A 613 13.21 -4.70 11.79
CA PHE A 613 14.45 -5.47 11.88
C PHE A 613 15.49 -5.08 10.84
N THR A 614 15.09 -4.84 9.59
CA THR A 614 16.06 -4.40 8.58
C THR A 614 16.78 -3.07 8.97
N LYS A 615 16.06 -2.15 9.61
CA LYS A 615 16.64 -0.92 10.13
C LYS A 615 17.72 -1.23 11.17
N LEU A 616 17.47 -2.20 12.05
CA LEU A 616 18.50 -2.64 13.03
C LEU A 616 19.74 -3.19 12.35
N VAL A 617 19.57 -4.02 11.32
CA VAL A 617 20.71 -4.59 10.61
C VAL A 617 21.51 -3.46 9.96
N LYS A 618 20.84 -2.54 9.29
CA LYS A 618 21.52 -1.40 8.70
C LYS A 618 22.27 -0.58 9.74
N GLU A 619 21.64 -0.32 10.89
CA GLU A 619 22.27 0.45 11.96
C GLU A 619 23.52 -0.25 12.51
N LEU A 620 23.52 -1.57 12.60
CA LEU A 620 24.54 -2.25 13.40
C LEU A 620 25.63 -2.98 12.63
N GLU A 621 25.36 -3.40 11.40
CA GLU A 621 26.33 -4.20 10.65
C GLU A 621 27.69 -3.50 10.51
N GLY A 622 27.67 -2.21 10.19
CA GLY A 622 28.88 -1.46 9.97
C GLY A 622 29.71 -1.35 11.22
N VAL A 623 29.06 -0.93 12.32
CA VAL A 623 29.81 -0.68 13.57
C VAL A 623 30.28 -2.00 14.19
N ILE A 624 29.52 -3.07 13.99
CA ILE A 624 29.95 -4.39 14.45
C ILE A 624 31.18 -4.85 13.66
N THR A 625 31.15 -4.65 12.35
CA THR A 625 32.27 -5.00 11.49
C THR A 625 33.53 -4.32 11.94
N LYS A 626 33.46 -3.01 12.22
CA LYS A 626 34.62 -2.27 12.73
C LYS A 626 35.07 -2.82 14.08
N ALA A 627 34.12 -3.15 14.95
CA ALA A 627 34.50 -3.64 16.29
C ALA A 627 35.29 -4.98 16.22
N ILE A 628 34.94 -5.81 15.24
CA ILE A 628 35.54 -7.14 15.08
C ILE A 628 36.95 -7.04 14.47
N TYR A 629 37.12 -6.21 13.45
CA TYR A 629 38.42 -6.05 12.78
C TYR A 629 39.46 -5.29 13.61
N LYS A 630 39.02 -4.43 14.51
CA LYS A 630 39.91 -3.79 15.49
C LYS A 630 40.89 -4.80 16.10
N SER A 631 42.16 -4.40 16.18
CA SER A 631 43.21 -5.22 16.81
C SER A 631 43.32 -4.92 18.31
N SER A 632 43.75 -3.69 18.64
CA SER A 632 44.19 -3.30 19.99
C SER A 632 45.59 -3.84 20.30
P PO4 B . 9.43 3.99 7.39
O1 PO4 B . 9.83 2.82 8.27
O2 PO4 B . 8.51 3.60 6.26
O3 PO4 B . 8.69 4.96 8.30
O4 PO4 B . 10.72 4.56 6.84
#